data_7RRM
#
_entry.id   7RRM
#
_cell.length_a   151.890
_cell.length_b   151.890
_cell.length_c   56.170
_cell.angle_alpha   90.000
_cell.angle_beta   90.000
_cell.angle_gamma   120.000
#
_symmetry.space_group_name_H-M   'P 6 2 2'
#
loop_
_entity.id
_entity.type
_entity.pdbx_description
1 polymer 'Transmembrane emp24 domain-containing protein 1'
2 non-polymer (4S)-2-METHYL-2,4-PENTANEDIOL
3 non-polymer 'ACETATE ION'
4 water water
#
_entity_poly.entity_id   1
_entity_poly.type   'polypeptide(L)'
_entity_poly.pdbx_seq_one_letter_code
;MGSSHHHHHHSSGLVPRGSHMENLYFQGAGPPPIQDGEFTFLLPAGRKQCFYQSAPANASLETEYQVIGGAGLDVDFTLE
SPQGVLLVSESRKADGVHTVEPTEAGDYKLCFDNSFSTISEKLVFFELIFDSLQD
;
_entity_poly.pdbx_strand_id   C,A,B
#
loop_
_chem_comp.id
_chem_comp.type
_chem_comp.name
_chem_comp.formula
ACT non-polymer 'ACETATE ION' 'C2 H3 O2 -1'
MPD non-polymer (4S)-2-METHYL-2,4-PENTANEDIOL 'C6 H14 O2'
#
# COMPACT_ATOMS: atom_id res chain seq x y z
N PRO A 33 -18.86 -12.79 -18.62
CA PRO A 33 -17.96 -12.03 -17.73
C PRO A 33 -18.79 -11.07 -16.86
N ILE A 34 -18.77 -11.26 -15.54
CA ILE A 34 -19.62 -10.49 -14.60
C ILE A 34 -18.82 -9.34 -13.96
N GLN A 35 -17.49 -9.46 -13.90
CA GLN A 35 -16.57 -8.40 -13.38
C GLN A 35 -15.28 -8.41 -14.22
N ASP A 36 -14.72 -7.24 -14.53
CA ASP A 36 -13.50 -7.13 -15.38
C ASP A 36 -12.77 -5.85 -14.99
N GLY A 37 -11.47 -5.83 -15.27
CA GLY A 37 -10.61 -4.69 -14.93
C GLY A 37 -9.29 -4.72 -15.68
N GLU A 38 -8.79 -3.53 -15.97
CA GLU A 38 -7.45 -3.30 -16.53
C GLU A 38 -6.74 -2.27 -15.64
N PHE A 39 -5.55 -2.62 -15.18
CA PHE A 39 -4.76 -1.79 -14.24
C PHE A 39 -3.39 -1.58 -14.86
N THR A 40 -3.05 -0.32 -15.16
N THR A 40 -3.09 -0.34 -15.26
CA THR A 40 -1.75 0.06 -15.78
CA THR A 40 -1.73 0.05 -15.71
C THR A 40 -1.01 1.01 -14.83
C THR A 40 -1.08 0.87 -14.60
N PHE A 41 0.22 0.69 -14.41
CA PHE A 41 0.91 1.42 -13.32
C PHE A 41 2.41 1.34 -13.53
N LEU A 42 3.06 2.41 -13.08
CA LEU A 42 4.52 2.46 -12.95
C LEU A 42 4.88 1.86 -11.60
N LEU A 43 5.77 0.88 -11.60
CA LEU A 43 6.29 0.26 -10.38
C LEU A 43 7.69 0.83 -10.15
N PRO A 44 7.87 1.73 -9.16
CA PRO A 44 9.19 2.35 -8.95
C PRO A 44 10.28 1.34 -8.59
N ALA A 45 11.52 1.72 -8.90
CA ALA A 45 12.76 1.02 -8.47
C ALA A 45 12.64 0.56 -7.02
N GLY A 46 12.87 -0.73 -6.77
CA GLY A 46 13.02 -1.30 -5.41
C GLY A 46 11.70 -1.50 -4.67
N ARG A 47 10.56 -1.23 -5.30
CA ARG A 47 9.24 -1.24 -4.63
C ARG A 47 8.41 -2.46 -5.03
N LYS A 48 7.36 -2.66 -4.25
CA LYS A 48 6.31 -3.70 -4.44
C LYS A 48 4.97 -2.97 -4.60
N GLN A 49 4.08 -3.51 -5.43
CA GLN A 49 2.69 -3.02 -5.59
C GLN A 49 1.76 -4.22 -5.54
N CYS A 50 0.75 -4.17 -4.66
CA CYS A 50 -0.29 -5.21 -4.57
C CYS A 50 -1.65 -4.63 -4.92
N PHE A 51 -2.54 -5.49 -5.44
CA PHE A 51 -3.96 -5.20 -5.70
C PHE A 51 -4.82 -6.23 -4.97
N TYR A 52 -5.96 -5.78 -4.43
CA TYR A 52 -6.93 -6.58 -3.66
C TYR A 52 -8.18 -6.69 -4.54
N GLN A 53 -8.47 -7.89 -5.02
CA GLN A 53 -9.64 -8.15 -5.89
C GLN A 53 -10.64 -9.03 -5.14
N SER A 54 -11.80 -8.46 -4.80
CA SER A 54 -12.94 -9.21 -4.22
C SER A 54 -13.44 -10.23 -5.25
N ALA A 55 -13.72 -11.45 -4.80
CA ALA A 55 -14.37 -12.49 -5.62
C ALA A 55 -15.50 -13.11 -4.81
N PRO A 56 -16.62 -13.54 -5.47
CA PRO A 56 -17.59 -14.42 -4.83
C PRO A 56 -17.07 -15.86 -4.85
N ALA A 57 -17.67 -16.74 -4.04
CA ALA A 57 -17.36 -18.19 -4.01
C ALA A 57 -17.81 -18.82 -5.34
N ASN A 58 -17.10 -19.86 -5.77
CA ASN A 58 -17.49 -20.76 -6.89
C ASN A 58 -17.57 -19.97 -8.21
N ALA A 59 -16.64 -19.04 -8.42
CA ALA A 59 -16.45 -18.37 -9.72
C ALA A 59 -15.11 -18.78 -10.33
N SER A 60 -14.80 -18.23 -11.50
CA SER A 60 -13.47 -18.32 -12.15
C SER A 60 -12.82 -16.93 -12.16
N LEU A 61 -11.65 -16.79 -11.55
CA LEU A 61 -10.82 -15.55 -11.62
C LEU A 61 -9.67 -15.76 -12.62
N GLU A 62 -9.71 -15.05 -13.75
CA GLU A 62 -8.66 -15.10 -14.79
C GLU A 62 -7.83 -13.83 -14.67
N THR A 63 -6.51 -13.98 -14.64
CA THR A 63 -5.54 -12.87 -14.51
C THR A 63 -4.46 -13.01 -15.57
N GLU A 64 -4.00 -11.88 -16.09
CA GLU A 64 -2.88 -11.83 -17.03
C GLU A 64 -2.11 -10.54 -16.75
N TYR A 65 -0.79 -10.61 -16.68
CA TYR A 65 0.09 -9.43 -16.51
C TYR A 65 1.16 -9.43 -17.61
N GLN A 66 1.73 -8.24 -17.81
CA GLN A 66 2.71 -7.99 -18.88
C GLN A 66 3.57 -6.80 -18.47
N VAL A 67 4.88 -6.98 -18.46
CA VAL A 67 5.84 -5.84 -18.36
C VAL A 67 5.79 -5.12 -19.71
N ILE A 68 5.66 -3.79 -19.69
CA ILE A 68 5.44 -2.98 -20.92
C ILE A 68 6.76 -2.38 -21.40
N GLY A 69 7.03 -2.46 -22.71
CA GLY A 69 8.29 -1.98 -23.31
C GLY A 69 9.41 -2.93 -22.92
N GLY A 70 10.65 -2.49 -22.98
CA GLY A 70 11.76 -3.32 -22.50
C GLY A 70 12.04 -3.08 -21.02
N ALA A 71 11.92 -1.81 -20.58
CA ALA A 71 12.49 -1.25 -19.34
C ALA A 71 12.05 -2.11 -18.14
N GLY A 72 13.03 -2.66 -17.42
CA GLY A 72 12.83 -3.56 -16.27
C GLY A 72 12.73 -5.01 -16.68
N LEU A 73 12.22 -5.27 -17.90
CA LEU A 73 12.19 -6.59 -18.59
C LEU A 73 11.22 -7.53 -17.87
N ASP A 74 11.40 -7.71 -16.57
CA ASP A 74 10.71 -8.80 -15.82
C ASP A 74 10.36 -8.32 -14.39
N VAL A 75 9.61 -9.16 -13.69
CA VAL A 75 9.02 -8.83 -12.36
C VAL A 75 8.78 -10.15 -11.61
N ASP A 76 8.74 -10.06 -10.29
CA ASP A 76 8.30 -11.17 -9.40
C ASP A 76 6.81 -10.99 -9.14
N PHE A 77 6.03 -12.00 -9.51
CA PHE A 77 4.57 -12.01 -9.32
C PHE A 77 4.16 -13.06 -8.28
N THR A 78 3.28 -12.68 -7.35
CA THR A 78 2.59 -13.61 -6.43
C THR A 78 1.09 -13.41 -6.49
N LEU A 79 0.35 -14.50 -6.31
CA LEU A 79 -1.11 -14.45 -6.13
C LEU A 79 -1.42 -15.17 -4.81
N GLU A 80 -2.12 -14.49 -3.88
CA GLU A 80 -2.51 -15.04 -2.55
C GLU A 80 -4.04 -15.14 -2.48
N SER A 81 -4.55 -16.21 -1.87
CA SER A 81 -6.01 -16.45 -1.64
C SER A 81 -6.54 -15.50 -0.57
N PRO A 82 -7.87 -15.38 -0.42
CA PRO A 82 -8.47 -14.63 0.69
C PRO A 82 -8.04 -15.09 2.09
N GLN A 83 -7.65 -16.36 2.24
CA GLN A 83 -7.16 -16.94 3.52
C GLN A 83 -5.63 -16.87 3.62
N GLY A 84 -4.97 -16.19 2.68
CA GLY A 84 -3.51 -15.93 2.73
C GLY A 84 -2.67 -17.09 2.20
N VAL A 85 -3.27 -18.07 1.52
CA VAL A 85 -2.54 -19.16 0.82
C VAL A 85 -1.83 -18.58 -0.41
N LEU A 86 -0.54 -18.85 -0.56
CA LEU A 86 0.25 -18.53 -1.77
C LEU A 86 -0.19 -19.47 -2.90
N LEU A 87 -0.86 -18.95 -3.93
CA LEU A 87 -1.44 -19.76 -5.04
C LEU A 87 -0.47 -19.77 -6.23
N VAL A 88 0.23 -18.66 -6.46
CA VAL A 88 1.21 -18.48 -7.56
C VAL A 88 2.41 -17.73 -7.01
N SER A 89 3.60 -18.18 -7.39
CA SER A 89 4.86 -17.45 -7.11
C SER A 89 5.79 -17.69 -8.28
N GLU A 90 6.08 -16.65 -9.07
CA GLU A 90 7.05 -16.75 -10.18
C GLU A 90 8.02 -15.57 -10.13
N SER A 91 9.24 -15.87 -10.56
CA SER A 91 10.44 -15.01 -10.39
C SER A 91 10.89 -14.57 -11.78
N ARG A 92 11.17 -13.27 -11.94
CA ARG A 92 11.80 -12.70 -13.14
C ARG A 92 11.07 -13.16 -14.41
N LYS A 93 9.75 -12.95 -14.47
CA LYS A 93 8.93 -13.23 -15.68
C LYS A 93 8.48 -11.91 -16.30
N ALA A 94 8.43 -11.86 -17.64
CA ALA A 94 7.96 -10.71 -18.44
C ALA A 94 6.43 -10.69 -18.49
N ASP A 95 5.80 -11.83 -18.31
CA ASP A 95 4.34 -11.98 -18.49
C ASP A 95 3.89 -13.28 -17.83
N GLY A 96 2.59 -13.40 -17.56
CA GLY A 96 2.00 -14.63 -17.02
C GLY A 96 0.49 -14.61 -17.07
N VAL A 97 -0.10 -15.80 -17.15
CA VAL A 97 -1.59 -15.96 -17.14
C VAL A 97 -1.88 -16.99 -16.04
N HIS A 98 -2.81 -16.67 -15.14
CA HIS A 98 -3.14 -17.54 -13.99
C HIS A 98 -4.65 -17.45 -13.77
N THR A 99 -5.32 -18.60 -13.68
CA THR A 99 -6.78 -18.69 -13.43
C THR A 99 -7.01 -19.46 -12.13
N VAL A 100 -7.84 -18.90 -11.25
CA VAL A 100 -8.29 -19.56 -9.99
C VAL A 100 -9.71 -20.03 -10.23
N GLU A 101 -9.95 -21.33 -10.15
CA GLU A 101 -11.31 -21.91 -10.35
C GLU A 101 -11.36 -23.26 -9.64
N PRO A 102 -12.23 -23.45 -8.63
CA PRO A 102 -13.19 -22.42 -8.22
C PRO A 102 -12.60 -21.42 -7.21
N THR A 103 -13.14 -20.19 -7.20
CA THR A 103 -12.74 -19.14 -6.23
C THR A 103 -13.38 -19.42 -4.87
N GLU A 104 -12.76 -18.92 -3.80
CA GLU A 104 -13.43 -18.77 -2.48
C GLU A 104 -13.83 -17.29 -2.32
N ALA A 105 -14.83 -17.02 -1.48
CA ALA A 105 -15.33 -15.66 -1.20
C ALA A 105 -14.21 -14.86 -0.52
N GLY A 106 -13.96 -13.63 -0.98
CA GLY A 106 -13.09 -12.66 -0.29
C GLY A 106 -12.12 -11.99 -1.25
N ASP A 107 -11.02 -11.49 -0.71
CA ASP A 107 -10.05 -10.65 -1.46
C ASP A 107 -8.86 -11.52 -1.87
N TYR A 108 -8.67 -11.71 -3.17
CA TYR A 108 -7.40 -12.22 -3.75
C TYR A 108 -6.39 -11.06 -3.78
N LYS A 109 -5.11 -11.35 -3.55
CA LYS A 109 -4.02 -10.32 -3.60
C LYS A 109 -3.05 -10.67 -4.72
N LEU A 110 -2.93 -9.77 -5.71
CA LEU A 110 -1.95 -9.84 -6.81
C LEU A 110 -0.82 -8.88 -6.47
N CYS A 111 0.39 -9.40 -6.32
CA CYS A 111 1.56 -8.56 -5.95
C CYS A 111 2.65 -8.64 -7.04
N PHE A 112 3.27 -7.49 -7.29
CA PHE A 112 4.36 -7.24 -8.25
C PHE A 112 5.53 -6.67 -7.48
N ASP A 113 6.69 -7.32 -7.57
CA ASP A 113 7.88 -6.99 -6.73
C ASP A 113 9.07 -6.66 -7.64
N ASN A 114 9.61 -5.46 -7.48
CA ASN A 114 10.70 -4.87 -8.30
C ASN A 114 11.90 -4.65 -7.37
N SER A 115 12.04 -5.48 -6.34
CA SER A 115 13.15 -5.41 -5.37
C SER A 115 14.43 -5.67 -6.16
N PHE A 116 15.49 -4.96 -5.80
CA PHE A 116 16.86 -5.05 -6.37
C PHE A 116 16.97 -4.26 -7.68
N SER A 117 15.87 -3.89 -8.34
CA SER A 117 15.93 -3.07 -9.57
C SER A 117 16.21 -1.62 -9.20
N THR A 118 17.11 -0.97 -9.95
CA THR A 118 17.41 0.46 -9.77
C THR A 118 16.56 1.27 -10.73
N ILE A 119 15.73 0.63 -11.55
CA ILE A 119 14.89 1.33 -12.56
C ILE A 119 13.41 0.98 -12.31
N SER A 120 12.54 1.92 -12.62
N SER A 120 12.54 1.92 -12.67
CA SER A 120 11.07 1.70 -12.60
CA SER A 120 11.07 1.75 -12.68
C SER A 120 10.70 0.74 -13.73
C SER A 120 10.69 0.76 -13.76
N GLU A 121 9.52 0.15 -13.62
CA GLU A 121 8.96 -0.81 -14.58
C GLU A 121 7.50 -0.42 -14.79
N LYS A 122 7.02 -0.42 -16.03
CA LYS A 122 5.58 -0.21 -16.33
C LYS A 122 4.93 -1.58 -16.54
N LEU A 123 3.80 -1.80 -15.89
CA LEU A 123 3.07 -3.07 -15.90
C LEU A 123 1.62 -2.80 -16.28
N VAL A 124 1.01 -3.78 -16.93
CA VAL A 124 -0.46 -3.85 -17.04
C VAL A 124 -0.88 -5.21 -16.50
N PHE A 125 -1.98 -5.26 -15.77
CA PHE A 125 -2.64 -6.56 -15.53
C PHE A 125 -4.14 -6.41 -15.80
N PHE A 126 -4.69 -7.55 -16.21
CA PHE A 126 -6.12 -7.73 -16.53
C PHE A 126 -6.66 -8.77 -15.56
N GLU A 127 -7.87 -8.58 -15.08
CA GLU A 127 -8.56 -9.61 -14.26
C GLU A 127 -10.02 -9.66 -14.73
N LEU A 128 -10.54 -10.89 -14.86
CA LEU A 128 -11.94 -11.20 -15.28
C LEU A 128 -12.50 -12.20 -14.28
N ILE A 129 -13.74 -11.99 -13.82
CA ILE A 129 -14.45 -12.98 -12.96
C ILE A 129 -15.68 -13.45 -13.73
N PHE A 130 -15.81 -14.78 -13.89
CA PHE A 130 -16.91 -15.51 -14.58
C PHE A 130 -17.69 -16.37 -13.57
N ASP A 131 -19.03 -16.31 -13.62
CA ASP A 131 -19.97 -17.06 -12.73
C ASP A 131 -19.76 -18.57 -12.89
N PRO B 33 6.01 13.17 -14.24
CA PRO B 33 5.62 12.31 -13.11
C PRO B 33 6.75 11.37 -12.65
N ILE B 34 6.80 11.05 -11.36
CA ILE B 34 7.68 10.00 -10.75
C ILE B 34 6.93 8.66 -10.77
N GLN B 35 5.60 8.66 -10.97
CA GLN B 35 4.72 7.47 -10.81
C GLN B 35 3.30 7.83 -11.28
N ASP B 36 2.68 6.95 -12.08
CA ASP B 36 1.30 7.15 -12.61
C ASP B 36 0.61 5.80 -12.69
N GLY B 37 -0.71 5.81 -12.64
CA GLY B 37 -1.54 4.62 -12.79
C GLY B 37 -2.90 5.00 -13.32
N GLU B 38 -3.47 4.17 -14.19
CA GLU B 38 -4.84 4.31 -14.72
C GLU B 38 -5.52 2.96 -14.54
N PHE B 39 -6.64 2.95 -13.82
CA PHE B 39 -7.36 1.71 -13.45
C PHE B 39 -8.80 1.83 -13.96
N THR B 40 -9.21 0.89 -14.80
CA THR B 40 -10.60 0.76 -15.27
C THR B 40 -11.16 -0.54 -14.74
N PHE B 41 -12.28 -0.52 -14.03
CA PHE B 41 -12.84 -1.74 -13.43
C PHE B 41 -14.34 -1.60 -13.24
N LEU B 42 -14.98 -2.75 -13.35
CA LEU B 42 -16.38 -2.94 -12.92
C LEU B 42 -16.40 -3.16 -11.41
N LEU B 43 -17.15 -2.34 -10.69
CA LEU B 43 -17.37 -2.47 -9.24
C LEU B 43 -18.78 -3.00 -9.03
N PRO B 44 -18.94 -4.30 -8.70
CA PRO B 44 -20.27 -4.88 -8.54
C PRO B 44 -21.04 -4.25 -7.37
N ALA B 45 -22.37 -4.34 -7.44
CA ALA B 45 -23.31 -4.00 -6.35
C ALA B 45 -22.83 -4.67 -5.05
N GLY B 46 -22.75 -3.91 -3.96
CA GLY B 46 -22.45 -4.42 -2.61
C GLY B 46 -20.96 -4.65 -2.39
N ARG B 47 -20.09 -4.12 -3.24
CA ARG B 47 -18.63 -4.35 -3.14
C ARG B 47 -17.90 -3.01 -2.99
N LYS B 48 -16.70 -3.08 -2.42
CA LYS B 48 -15.77 -1.94 -2.25
C LYS B 48 -14.43 -2.36 -2.87
N GLN B 49 -13.80 -1.45 -3.60
CA GLN B 49 -12.47 -1.61 -4.20
C GLN B 49 -11.53 -0.58 -3.58
N CYS B 50 -10.44 -1.01 -2.94
CA CYS B 50 -9.44 -0.10 -2.35
C CYS B 50 -8.12 -0.27 -3.09
N PHE B 51 -7.43 0.84 -3.31
CA PHE B 51 -6.08 0.89 -3.90
C PHE B 51 -5.13 1.46 -2.86
N TYR B 52 -3.91 0.95 -2.87
CA TYR B 52 -2.81 1.45 -2.03
C TYR B 52 -1.79 2.10 -2.95
N GLN B 53 -1.48 3.37 -2.70
CA GLN B 53 -0.50 4.11 -3.52
C GLN B 53 0.63 4.61 -2.63
N SER B 54 1.83 4.10 -2.87
CA SER B 54 3.06 4.54 -2.16
C SER B 54 3.43 5.95 -2.64
N ALA B 55 3.81 6.81 -1.70
CA ALA B 55 4.33 8.16 -1.96
C ALA B 55 5.60 8.35 -1.14
N PRO B 56 6.59 9.07 -1.68
CA PRO B 56 7.66 9.60 -0.85
C PRO B 56 7.15 10.85 -0.09
N ALA B 57 7.92 11.32 0.89
CA ALA B 57 7.65 12.56 1.64
C ALA B 57 7.78 13.77 0.70
N ASN B 58 7.00 14.82 0.94
CA ASN B 58 7.16 16.15 0.28
C ASN B 58 6.90 16.04 -1.22
N ALA B 59 5.99 15.16 -1.61
CA ALA B 59 5.57 15.02 -3.01
C ALA B 59 4.13 15.52 -3.15
N SER B 60 3.59 15.42 -4.36
CA SER B 60 2.19 15.76 -4.69
C SER B 60 1.49 14.52 -5.24
N LEU B 61 0.44 14.06 -4.55
CA LEU B 61 -0.42 12.94 -5.03
C LEU B 61 -1.69 13.56 -5.64
N GLU B 62 -1.87 13.38 -6.95
CA GLU B 62 -3.05 13.90 -7.68
C GLU B 62 -3.87 12.68 -8.08
N THR B 63 -5.16 12.72 -7.81
N THR B 63 -5.15 12.72 -7.81
CA THR B 63 -6.10 11.62 -8.09
CA THR B 63 -6.08 11.61 -8.14
C THR B 63 -7.39 12.16 -8.71
C THR B 63 -7.29 12.21 -8.86
N GLU B 64 -7.99 11.37 -9.60
CA GLU B 64 -9.18 11.75 -10.38
C GLU B 64 -9.94 10.47 -10.70
N TYR B 65 -11.24 10.48 -10.53
CA TYR B 65 -12.08 9.33 -10.86
C TYR B 65 -13.34 9.78 -11.59
N GLN B 66 -13.92 8.84 -12.31
CA GLN B 66 -15.15 9.01 -13.10
C GLN B 66 -15.93 7.70 -13.10
N VAL B 67 -17.21 7.76 -12.75
CA VAL B 67 -18.16 6.65 -12.99
C VAL B 67 -18.65 6.76 -14.45
N ILE B 68 -18.64 5.66 -15.19
CA ILE B 68 -19.01 5.63 -16.63
C ILE B 68 -20.50 5.38 -16.75
N GLY B 69 -21.20 6.24 -17.50
CA GLY B 69 -22.61 6.07 -17.84
C GLY B 69 -23.37 7.36 -17.58
N GLY B 70 -24.69 7.33 -17.74
CA GLY B 70 -25.53 8.53 -17.58
C GLY B 70 -25.75 8.91 -16.12
N ALA B 71 -26.84 9.63 -15.86
CA ALA B 71 -27.25 10.07 -14.52
C ALA B 71 -27.64 8.85 -13.67
N GLY B 72 -27.61 9.02 -12.35
CA GLY B 72 -28.06 8.03 -11.37
C GLY B 72 -26.95 7.06 -11.00
N LEU B 73 -25.81 7.13 -11.69
CA LEU B 73 -24.68 6.18 -11.48
C LEU B 73 -23.60 6.91 -10.67
N ASP B 74 -23.30 6.44 -9.47
CA ASP B 74 -22.37 7.16 -8.57
C ASP B 74 -21.80 6.17 -7.56
N VAL B 75 -20.86 6.65 -6.73
N VAL B 75 -20.84 6.63 -6.75
CA VAL B 75 -20.01 5.81 -5.85
CA VAL B 75 -20.11 5.78 -5.78
C VAL B 75 -19.62 6.68 -4.65
C VAL B 75 -19.69 6.68 -4.62
N ASP B 76 -19.26 6.05 -3.52
CA ASP B 76 -18.67 6.73 -2.36
C ASP B 76 -17.15 6.58 -2.48
N PHE B 77 -16.42 7.63 -2.19
CA PHE B 77 -14.94 7.68 -2.29
C PHE B 77 -14.34 8.14 -0.97
N THR B 78 -13.31 7.43 -0.53
CA THR B 78 -12.50 7.84 0.64
C THR B 78 -11.01 7.86 0.24
N LEU B 79 -10.27 8.79 0.81
CA LEU B 79 -8.81 8.92 0.67
C LEU B 79 -8.26 9.03 2.08
N GLU B 80 -7.43 8.08 2.47
CA GLU B 80 -6.86 7.99 3.84
C GLU B 80 -5.34 8.08 3.76
N SER B 81 -4.74 8.85 4.66
CA SER B 81 -3.27 9.00 4.80
C SER B 81 -2.65 7.66 5.23
N PRO B 82 -1.33 7.49 5.09
CA PRO B 82 -0.65 6.30 5.59
C PRO B 82 -0.92 5.97 7.07
N GLN B 83 -1.12 7.00 7.90
CA GLN B 83 -1.38 6.80 9.35
C GLN B 83 -2.88 6.65 9.62
N GLY B 84 -3.73 6.77 8.60
CA GLY B 84 -5.18 6.46 8.70
C GLY B 84 -6.04 7.71 8.86
N VAL B 85 -5.47 8.89 8.67
CA VAL B 85 -6.22 10.17 8.73
C VAL B 85 -7.15 10.20 7.51
N LEU B 86 -8.43 10.45 7.74
CA LEU B 86 -9.43 10.60 6.65
C LEU B 86 -9.21 11.97 6.00
N LEU B 87 -8.74 12.00 4.75
CA LEU B 87 -8.41 13.26 4.05
C LEU B 87 -9.58 13.65 3.13
N VAL B 88 -10.24 12.65 2.55
CA VAL B 88 -11.42 12.84 1.68
C VAL B 88 -12.48 11.80 2.07
N SER B 89 -13.73 12.21 2.16
CA SER B 89 -14.86 11.25 2.34
C SER B 89 -16.09 11.87 1.68
N GLU B 90 -16.54 11.30 0.56
CA GLU B 90 -17.66 11.88 -0.22
C GLU B 90 -18.59 10.76 -0.68
N SER B 91 -19.89 11.06 -0.75
CA SER B 91 -21.00 10.11 -0.98
C SER B 91 -21.66 10.41 -2.32
N ARG B 92 -22.07 9.35 -3.02
CA ARG B 92 -22.88 9.36 -4.26
C ARG B 92 -22.32 10.41 -5.23
N LYS B 93 -21.05 10.26 -5.61
CA LYS B 93 -20.36 11.12 -6.60
C LYS B 93 -20.22 10.38 -7.92
N ALA B 94 -20.34 11.08 -9.04
CA ALA B 94 -20.03 10.52 -10.38
C ALA B 94 -18.56 10.74 -10.70
N ASP B 95 -17.91 11.70 -10.04
CA ASP B 95 -16.54 12.13 -10.40
C ASP B 95 -15.93 12.86 -9.21
N GLY B 96 -14.60 12.99 -9.22
CA GLY B 96 -13.86 13.75 -8.20
C GLY B 96 -12.41 13.93 -8.59
N VAL B 97 -11.84 15.03 -8.16
CA VAL B 97 -10.39 15.35 -8.32
C VAL B 97 -9.90 15.78 -6.95
N HIS B 98 -8.79 15.21 -6.49
CA HIS B 98 -8.25 15.46 -5.13
C HIS B 98 -6.73 15.47 -5.22
N THR B 99 -6.09 16.47 -4.64
CA THR B 99 -4.61 16.55 -4.52
C THR B 99 -4.22 16.54 -3.05
N VAL B 100 -3.26 15.69 -2.69
CA VAL B 100 -2.62 15.70 -1.34
C VAL B 100 -1.22 16.28 -1.52
N GLU B 101 -0.87 17.34 -0.80
CA GLU B 101 0.42 18.04 -0.96
C GLU B 101 0.66 18.90 0.28
N PRO B 102 1.79 18.77 1.00
CA PRO B 102 2.80 17.76 0.74
C PRO B 102 2.38 16.38 1.29
N THR B 103 2.81 15.32 0.62
CA THR B 103 2.60 13.93 1.10
C THR B 103 3.55 13.65 2.25
N GLU B 104 3.21 12.65 3.07
CA GLU B 104 4.18 11.98 3.95
C GLU B 104 4.60 10.68 3.27
N ALA B 105 5.72 10.09 3.72
CA ALA B 105 6.22 8.80 3.20
C ALA B 105 5.28 7.70 3.68
N GLY B 106 4.69 6.94 2.76
CA GLY B 106 3.83 5.79 3.10
C GLY B 106 2.79 5.54 2.04
N ASP B 107 1.87 4.63 2.34
CA ASP B 107 0.83 4.15 1.41
C ASP B 107 -0.47 4.91 1.70
N TYR B 108 -0.92 5.71 0.74
CA TYR B 108 -2.26 6.32 0.77
C TYR B 108 -3.25 5.25 0.36
N LYS B 109 -4.42 5.25 0.99
CA LYS B 109 -5.47 4.26 0.70
C LYS B 109 -6.66 4.97 0.04
N LEU B 110 -7.03 4.54 -1.15
CA LEU B 110 -8.09 5.18 -1.97
C LEU B 110 -9.17 4.14 -2.26
N CYS B 111 -10.38 4.39 -1.75
CA CYS B 111 -11.46 3.37 -1.77
C CYS B 111 -12.69 3.89 -2.51
N PHE B 112 -13.29 3.00 -3.30
CA PHE B 112 -14.57 3.18 -4.02
C PHE B 112 -15.57 2.21 -3.43
N ASP B 113 -16.62 2.73 -2.80
CA ASP B 113 -17.56 1.90 -2.03
C ASP B 113 -18.90 1.88 -2.77
N ASN B 114 -19.32 0.70 -3.20
CA ASN B 114 -20.63 0.45 -3.84
C ASN B 114 -21.42 -0.50 -2.92
N SER B 115 -21.07 -0.54 -1.62
CA SER B 115 -21.69 -1.43 -0.58
C SER B 115 -23.19 -1.13 -0.42
N PHE B 116 -23.60 0.13 -0.54
CA PHE B 116 -25.02 0.56 -0.39
C PHE B 116 -25.60 0.89 -1.77
N SER B 117 -25.81 -0.14 -2.60
CA SER B 117 -26.36 -0.04 -3.99
C SER B 117 -26.65 -1.43 -4.55
N THR B 118 -27.70 -1.56 -5.37
CA THR B 118 -28.10 -2.78 -6.11
C THR B 118 -27.54 -2.77 -7.54
N ILE B 119 -26.89 -1.67 -7.94
CA ILE B 119 -26.37 -1.44 -9.32
C ILE B 119 -24.85 -1.60 -9.31
N SER B 120 -24.30 -2.41 -10.21
CA SER B 120 -22.84 -2.47 -10.49
C SER B 120 -22.47 -1.18 -11.25
N GLU B 121 -21.21 -0.76 -11.17
N GLU B 121 -21.23 -0.71 -11.06
CA GLU B 121 -20.77 0.49 -11.81
CA GLU B 121 -20.68 0.56 -11.62
C GLU B 121 -19.34 0.38 -12.32
C GLU B 121 -19.38 0.26 -12.40
N LYS B 122 -19.10 1.01 -13.47
CA LYS B 122 -17.81 0.97 -14.19
C LYS B 122 -17.07 2.27 -13.83
N LEU B 123 -15.85 2.14 -13.32
CA LEU B 123 -15.03 3.27 -12.85
C LEU B 123 -13.75 3.37 -13.68
N VAL B 124 -13.32 4.61 -13.96
N VAL B 124 -13.30 4.60 -13.90
CA VAL B 124 -11.92 4.94 -14.36
CA VAL B 124 -11.92 4.93 -14.34
C VAL B 124 -11.32 5.76 -13.22
C VAL B 124 -11.29 5.80 -13.28
N PHE B 125 -10.07 5.47 -12.89
CA PHE B 125 -9.34 6.08 -11.74
C PHE B 125 -7.91 6.33 -12.20
N PHE B 126 -7.42 7.55 -11.96
CA PHE B 126 -6.07 8.01 -12.31
C PHE B 126 -5.38 8.45 -11.03
N GLU B 127 -4.11 8.08 -10.88
CA GLU B 127 -3.27 8.56 -9.76
C GLU B 127 -1.91 8.97 -10.33
N LEU B 128 -1.35 10.05 -9.80
CA LEU B 128 -0.08 10.61 -10.28
C LEU B 128 0.68 11.15 -9.09
N ILE B 129 1.97 10.84 -8.98
CA ILE B 129 2.88 11.45 -7.97
C ILE B 129 3.93 12.28 -8.72
N PHE B 130 4.06 13.55 -8.34
CA PHE B 130 5.14 14.50 -8.75
C PHE B 130 6.05 14.78 -7.54
N ASP B 131 7.38 14.73 -7.71
CA ASP B 131 8.41 14.99 -6.66
C ASP B 131 8.35 16.45 -6.24
N PRO C 33 19.17 2.68 33.72
CA PRO C 33 17.90 2.65 32.97
C PRO C 33 16.79 3.44 33.69
N ILE C 34 16.47 4.63 33.16
CA ILE C 34 15.62 5.64 33.83
C ILE C 34 14.19 5.51 33.29
N GLN C 35 14.02 5.19 32.00
CA GLN C 35 12.69 4.98 31.35
C GLN C 35 12.78 3.85 30.32
N ASP C 36 11.73 3.05 30.16
CA ASP C 36 11.77 1.92 29.22
C ASP C 36 10.37 1.46 28.89
N GLY C 37 10.24 0.84 27.72
CA GLY C 37 8.94 0.50 27.12
C GLY C 37 9.06 -0.67 26.16
N GLU C 38 8.00 -1.46 26.08
CA GLU C 38 7.84 -2.51 25.07
C GLU C 38 6.46 -2.34 24.46
N PHE C 39 6.40 -2.22 23.14
CA PHE C 39 5.15 -1.98 22.40
C PHE C 39 5.02 -3.10 21.38
N THR C 40 3.97 -3.90 21.52
CA THR C 40 3.66 -4.99 20.58
C THR C 40 2.34 -4.64 19.90
N PHE C 41 2.32 -4.63 18.57
CA PHE C 41 1.10 -4.22 17.83
C PHE C 41 1.05 -4.88 16.47
N LEU C 42 -0.17 -5.11 16.01
CA LEU C 42 -0.50 -5.53 14.64
C LEU C 42 -0.45 -4.29 13.76
N LEU C 43 0.31 -4.36 12.68
CA LEU C 43 0.47 -3.28 11.70
C LEU C 43 -0.13 -3.75 10.38
N PRO C 44 -1.39 -3.35 10.06
CA PRO C 44 -2.03 -3.79 8.83
C PRO C 44 -1.23 -3.43 7.57
N ALA C 45 -1.46 -4.19 6.51
CA ALA C 45 -0.93 -3.92 5.14
C ALA C 45 -1.17 -2.45 4.81
N GLY C 46 -0.11 -1.73 4.47
CA GLY C 46 -0.19 -0.31 4.05
C GLY C 46 -0.31 0.67 5.20
N ARG C 47 -0.29 0.23 6.46
CA ARG C 47 -0.45 1.12 7.64
C ARG C 47 0.91 1.63 8.12
N LYS C 48 0.96 2.93 8.44
CA LYS C 48 2.09 3.57 9.15
C LYS C 48 1.63 3.90 10.56
N GLN C 49 2.38 3.43 11.56
CA GLN C 49 2.10 3.66 13.00
C GLN C 49 3.27 4.46 13.57
N CYS C 50 2.97 5.63 14.14
CA CYS C 50 3.99 6.49 14.79
C CYS C 50 3.81 6.45 16.32
N PHE C 51 4.94 6.65 17.00
CA PHE C 51 5.03 6.76 18.48
C PHE C 51 5.85 8.00 18.79
N TYR C 52 5.56 8.63 19.91
CA TYR C 52 6.30 9.80 20.41
C TYR C 52 6.92 9.40 21.74
N GLN C 53 8.21 9.62 21.88
CA GLN C 53 8.95 9.28 23.12
C GLN C 53 9.74 10.51 23.57
N SER C 54 9.36 11.02 24.72
CA SER C 54 10.07 12.10 25.45
C SER C 54 11.48 11.63 25.86
N ALA C 55 12.47 12.49 25.70
CA ALA C 55 13.83 12.31 26.23
C ALA C 55 14.25 13.62 26.89
N PRO C 56 15.03 13.54 27.97
CA PRO C 56 15.71 14.73 28.49
C PRO C 56 16.93 15.04 27.60
N ALA C 57 17.50 16.24 27.77
CA ALA C 57 18.74 16.65 27.10
C ALA C 57 19.91 15.82 27.63
N ASN C 58 20.82 15.44 26.74
CA ASN C 58 22.14 14.84 27.09
C ASN C 58 21.95 13.46 27.71
N ALA C 59 20.95 12.71 27.26
CA ALA C 59 20.72 11.32 27.69
C ALA C 59 21.07 10.39 26.52
N SER C 60 20.80 9.10 26.69
CA SER C 60 20.96 8.07 25.66
C SER C 60 19.60 7.41 25.43
N LEU C 61 19.10 7.45 24.20
CA LEU C 61 17.84 6.78 23.78
C LEU C 61 18.23 5.56 22.94
N GLU C 62 18.00 4.37 23.47
CA GLU C 62 18.24 3.13 22.72
C GLU C 62 16.90 2.61 22.21
N THR C 63 16.83 2.28 20.93
CA THR C 63 15.61 1.78 20.26
C THR C 63 15.97 0.47 19.54
N GLU C 64 15.03 -0.46 19.57
CA GLU C 64 15.18 -1.74 18.85
C GLU C 64 13.79 -2.12 18.35
N TYR C 65 13.69 -2.55 17.09
CA TYR C 65 12.43 -3.10 16.54
C TYR C 65 12.68 -4.48 15.93
N GLN C 66 11.62 -5.26 15.89
CA GLN C 66 11.63 -6.62 15.28
C GLN C 66 10.28 -6.87 14.64
N VAL C 67 10.26 -7.26 13.37
CA VAL C 67 9.02 -7.75 12.71
C VAL C 67 8.91 -9.23 13.10
N ILE C 68 7.76 -9.65 13.57
CA ILE C 68 7.50 -11.04 14.04
C ILE C 68 7.14 -11.88 12.81
N GLY C 69 7.88 -12.96 12.57
CA GLY C 69 7.61 -13.87 11.44
C GLY C 69 8.83 -14.07 10.57
N GLY C 70 8.69 -14.79 9.46
CA GLY C 70 9.84 -15.24 8.65
C GLY C 70 10.16 -14.30 7.49
N ALA C 71 10.73 -14.88 6.44
CA ALA C 71 11.33 -14.19 5.28
C ALA C 71 10.26 -13.34 4.59
N GLY C 72 10.66 -12.15 4.14
CA GLY C 72 9.81 -11.25 3.36
C GLY C 72 8.87 -10.43 4.21
N LEU C 73 8.94 -10.57 5.54
CA LEU C 73 8.23 -9.64 6.46
C LEU C 73 9.25 -8.60 6.90
N ASP C 74 9.03 -7.35 6.51
CA ASP C 74 9.95 -6.26 6.87
C ASP C 74 9.11 -5.01 7.15
N VAL C 75 9.76 -3.92 7.47
CA VAL C 75 9.06 -2.65 7.77
C VAL C 75 9.97 -1.51 7.36
N ASP C 76 9.37 -0.37 7.00
CA ASP C 76 10.09 0.92 6.85
C ASP C 76 10.10 1.60 8.21
N PHE C 77 11.29 1.88 8.74
CA PHE C 77 11.46 2.50 10.06
C PHE C 77 12.00 3.91 9.89
N THR C 78 11.36 4.89 10.53
CA THR C 78 11.88 6.29 10.60
C THR C 78 11.99 6.74 12.05
N LEU C 79 13.00 7.56 12.29
CA LEU C 79 13.28 8.16 13.60
C LEU C 79 13.54 9.63 13.33
N GLU C 80 12.68 10.49 13.85
CA GLU C 80 12.80 11.97 13.71
C GLU C 80 13.13 12.57 15.07
N SER C 81 14.00 13.58 15.05
CA SER C 81 14.36 14.36 16.25
C SER C 81 13.17 15.21 16.67
N PRO C 82 13.18 15.75 17.91
CA PRO C 82 12.13 16.69 18.32
C PRO C 82 11.98 17.94 17.45
N GLN C 83 13.02 18.30 16.68
CA GLN C 83 13.02 19.46 15.74
C GLN C 83 12.65 19.04 14.32
N GLY C 84 12.34 17.76 14.08
CA GLY C 84 11.88 17.29 12.76
C GLY C 84 13.03 16.92 11.84
N VAL C 85 14.24 16.74 12.37
CA VAL C 85 15.41 16.21 11.62
C VAL C 85 15.23 14.70 11.46
N LEU C 86 15.28 14.20 10.23
CA LEU C 86 15.20 12.75 9.95
C LEU C 86 16.56 12.12 10.28
N LEU C 87 16.64 11.41 11.41
CA LEU C 87 17.87 10.78 11.92
C LEU C 87 18.05 9.40 11.30
N VAL C 88 16.98 8.59 11.24
CA VAL C 88 16.99 7.24 10.63
C VAL C 88 15.84 7.11 9.64
N SER C 89 16.12 6.57 8.45
CA SER C 89 15.11 6.16 7.46
C SER C 89 15.63 4.93 6.76
N GLU C 90 15.10 3.77 7.10
CA GLU C 90 15.56 2.49 6.54
C GLU C 90 14.36 1.65 6.09
N SER C 91 14.62 0.78 5.12
CA SER C 91 13.60 0.02 4.38
C SER C 91 14.11 -1.42 4.21
N ARG C 92 13.22 -2.40 4.26
CA ARG C 92 13.49 -3.83 3.92
C ARG C 92 14.27 -4.54 5.02
N LYS C 93 14.23 -4.01 6.25
N LYS C 93 14.22 -4.02 6.26
CA LYS C 93 14.81 -4.68 7.44
CA LYS C 93 14.80 -4.71 7.43
C LYS C 93 13.66 -5.34 8.22
C LYS C 93 13.65 -5.36 8.20
N ALA C 94 13.92 -6.53 8.76
CA ALA C 94 13.00 -7.23 9.68
C ALA C 94 13.33 -6.81 11.11
N ASP C 95 14.42 -6.08 11.31
CA ASP C 95 14.96 -5.74 12.65
C ASP C 95 15.91 -4.55 12.53
N GLY C 96 16.11 -3.83 13.61
CA GLY C 96 17.08 -2.72 13.66
C GLY C 96 17.31 -2.23 15.07
N VAL C 97 18.55 -1.82 15.36
N VAL C 97 18.53 -1.74 15.34
CA VAL C 97 18.96 -1.19 16.64
CA VAL C 97 18.93 -1.18 16.66
C VAL C 97 19.50 0.20 16.29
C VAL C 97 19.63 0.16 16.43
N HIS C 98 19.13 1.22 17.05
CA HIS C 98 19.67 2.59 16.88
C HIS C 98 19.74 3.25 18.25
N THR C 99 20.86 3.89 18.54
CA THR C 99 21.05 4.71 19.76
C THR C 99 21.23 6.17 19.36
N VAL C 100 20.45 7.07 19.96
CA VAL C 100 20.63 8.54 19.89
C VAL C 100 21.33 8.96 21.17
N GLU C 101 22.55 9.50 21.04
CA GLU C 101 23.37 9.93 22.19
C GLU C 101 24.33 10.99 21.68
N PRO C 102 24.39 12.21 22.26
CA PRO C 102 23.44 12.66 23.28
C PRO C 102 22.07 13.01 22.68
N THR C 103 20.99 12.77 23.43
CA THR C 103 19.63 13.24 23.07
C THR C 103 19.55 14.76 23.26
N GLU C 104 18.58 15.37 22.59
CA GLU C 104 18.07 16.72 22.91
C GLU C 104 16.75 16.53 23.68
N ALA C 105 16.37 17.52 24.47
CA ALA C 105 15.09 17.53 25.22
C ALA C 105 13.94 17.62 24.22
N GLY C 106 13.01 16.67 24.27
CA GLY C 106 11.80 16.72 23.44
C GLY C 106 11.27 15.35 23.09
N ASP C 107 10.29 15.33 22.19
CA ASP C 107 9.58 14.10 21.76
C ASP C 107 10.20 13.64 20.44
N TYR C 108 10.92 12.51 20.49
CA TYR C 108 11.39 11.78 19.31
C TYR C 108 10.18 11.11 18.68
N LYS C 109 10.16 11.07 17.37
CA LYS C 109 9.05 10.45 16.61
C LYS C 109 9.57 9.19 15.91
N LEU C 110 8.99 8.04 16.23
CA LEU C 110 9.39 6.74 15.66
C LEU C 110 8.20 6.18 14.89
N CYS C 111 8.38 5.92 13.60
CA CYS C 111 7.30 5.40 12.74
C CYS C 111 7.68 4.06 12.12
N PHE C 112 6.67 3.22 11.98
CA PHE C 112 6.74 1.87 11.37
C PHE C 112 5.72 1.82 10.24
N ASP C 113 6.18 1.51 9.03
CA ASP C 113 5.37 1.54 7.80
C ASP C 113 5.44 0.14 7.13
N ASN C 114 4.30 -0.55 7.10
CA ASN C 114 4.20 -1.90 6.48
C ASN C 114 3.87 -1.74 5.00
N SER C 115 4.86 -1.40 4.19
CA SER C 115 4.70 -1.01 2.76
C SER C 115 5.26 -2.09 1.83
N PHE C 116 5.92 -3.12 2.36
CA PHE C 116 6.63 -4.13 1.53
C PHE C 116 6.14 -5.53 1.86
N SER C 117 5.91 -5.86 3.13
CA SER C 117 5.55 -7.23 3.57
C SER C 117 4.37 -7.78 2.74
N THR C 118 3.34 -6.96 2.51
CA THR C 118 2.10 -7.31 1.74
C THR C 118 1.04 -7.96 2.63
N ILE C 119 1.31 -8.23 3.92
CA ILE C 119 0.30 -8.80 4.86
C ILE C 119 0.43 -8.08 6.21
N SER C 120 -0.64 -8.11 7.02
CA SER C 120 -0.66 -7.60 8.42
C SER C 120 0.47 -8.27 9.18
N GLU C 121 1.31 -7.52 9.87
CA GLU C 121 2.42 -8.14 10.61
C GLU C 121 2.43 -7.61 12.05
N LYS C 122 2.89 -8.46 12.96
CA LYS C 122 3.13 -8.09 14.37
C LYS C 122 4.52 -7.45 14.44
N LEU C 123 4.60 -6.32 15.12
CA LEU C 123 5.83 -5.58 15.41
C LEU C 123 6.04 -5.60 16.91
N VAL C 124 7.29 -5.71 17.34
CA VAL C 124 7.66 -5.36 18.73
C VAL C 124 8.72 -4.26 18.63
N PHE C 125 8.59 -3.26 19.49
CA PHE C 125 9.47 -2.09 19.56
C PHE C 125 9.85 -1.88 21.02
N PHE C 126 11.14 -1.74 21.31
CA PHE C 126 11.68 -1.46 22.66
C PHE C 126 12.34 -0.08 22.64
N GLU C 127 12.14 0.69 23.69
CA GLU C 127 12.87 1.96 23.91
C GLU C 127 13.33 2.02 25.36
N LEU C 128 14.55 2.49 25.53
CA LEU C 128 15.25 2.58 26.82
C LEU C 128 15.95 3.93 26.85
N ILE C 129 15.79 4.69 27.92
CA ILE C 129 16.51 5.98 28.12
C ILE C 129 17.33 5.88 29.40
N PHE C 130 18.65 6.14 29.28
CA PHE C 130 19.63 6.21 30.41
C PHE C 130 20.18 7.64 30.57
N ASP C 131 20.50 8.01 31.83
CA ASP C 131 21.31 9.19 32.25
C ASP C 131 20.51 10.47 32.00
C1 MPD D . 0.59 -4.22 1.24
C2 MPD D . 0.58 -3.11 0.21
O2 MPD D . -0.55 -3.34 -0.65
CM MPD D . 0.37 -1.77 0.90
C3 MPD D . 1.86 -3.14 -0.63
C4 MPD D . 1.98 -2.15 -1.79
O4 MPD D . 0.81 -2.15 -2.61
C5 MPD D . 2.31 -0.72 -1.43
C ACT E . -0.47 11.83 13.88
O ACT E . 0.67 11.40 14.22
OXT ACT E . -0.80 13.03 13.85
CH3 ACT E . -1.52 10.79 13.48
#